data_6GC2
#
_entry.id   6GC2
#
_cell.length_a   46.510
_cell.length_b   75.810
_cell.length_c   135.290
_cell.angle_alpha   90.00
_cell.angle_beta   90.00
_cell.angle_gamma   90.00
#
_symmetry.space_group_name_H-M   'P 2 21 21'
#
loop_
_entity.id
_entity.type
_entity.pdbx_description
1 polymer 'Light Chain'
2 polymer 'Heavy chain'
3 water water
#
loop_
_entity_poly.entity_id
_entity_poly.type
_entity_poly.pdbx_seq_one_letter_code
_entity_poly.pdbx_strand_id
1 'polypeptide(L)'
;MGWSCIILFLVATATGVHSDIELTQSPATLSVTPGDSVSLSCRASQSISNNLHWYQQKSHEPPRLLIKYVSQSVSGIPSR
FSGSGSGTDFTLSINSVETEDFGMYFCGQSNSWPRTFGGGTKLEIKRTVAAPSVFIFPPSDEQLKSGTASVVCLLNNFYP
REAKVQWKVDNALQSGNSQESVTEQDSKDSTYSLSSTLTLSKADYEKHKVYACEVTHQGLSSPVTKSFNRGECMGWSCII
LFLVATATGVHC
;
L
2 'polypeptide(L)'
;QVQLQESGAEVMKPGASVKISCKATGYTFSTYWIEWMKQRPGGGLEYIGEILPGSGSTYYNEKFKGKATFTADTSSNTAY
MQLSSLTSEDSAVYYCARGDGYYKYWGQGTTLTVSSASTKGPSVFPLAPSSKSTSGGTAALGCLVKDYFPEPVTVSWNSG
ALTSGVHTFPAVLQSSGLYSLSSVVTVPSSSLGTQTYICNVNHKPSNTKVDKRVEPKSCDQTHHHHH
;
H
#
# COMPACT_ATOMS: atom_id res chain seq x y z
N ASP A 20 -22.17 17.36 -8.99
CA ASP A 20 -20.94 17.30 -9.78
C ASP A 20 -21.06 16.26 -10.87
N ILE A 21 -19.92 16.00 -11.52
CA ILE A 21 -19.84 14.93 -12.50
C ILE A 21 -19.36 13.67 -11.82
N GLU A 22 -20.13 12.60 -11.96
CA GLU A 22 -19.82 11.29 -11.39
C GLU A 22 -19.23 10.41 -12.49
N LEU A 23 -18.08 9.79 -12.22
CA LEU A 23 -17.40 8.91 -13.16
C LEU A 23 -17.42 7.49 -12.61
N THR A 24 -17.89 6.54 -13.41
CA THR A 24 -18.12 5.18 -12.91
C THR A 24 -17.35 4.15 -13.74
N GLN A 25 -16.45 3.44 -13.09
CA GLN A 25 -15.54 2.52 -13.78
C GLN A 25 -15.93 1.06 -13.56
N SER A 26 -15.81 0.26 -14.61
CA SER A 26 -16.04 -1.16 -14.48
C SER A 26 -15.20 -1.90 -15.51
N PRO A 27 -14.58 -3.03 -15.15
CA PRO A 27 -14.76 -3.66 -13.83
C PRO A 27 -13.94 -2.98 -12.76
N ALA A 28 -14.21 -3.27 -11.49
CA ALA A 28 -13.34 -2.77 -10.45
C ALA A 28 -12.05 -3.54 -10.37
N THR A 29 -12.03 -4.75 -10.94
CA THR A 29 -10.88 -5.64 -10.81
C THR A 29 -10.81 -6.52 -12.05
N LEU A 30 -9.59 -6.79 -12.49
CA LEU A 30 -9.36 -7.61 -13.66
C LEU A 30 -8.01 -8.30 -13.56
N SER A 31 -8.01 -9.62 -13.68
CA SER A 31 -6.78 -10.39 -13.88
C SER A 31 -6.60 -10.69 -15.36
N VAL A 32 -5.41 -10.43 -15.86
CA VAL A 32 -5.10 -10.57 -17.28
C VAL A 32 -3.83 -11.36 -17.44
N THR A 33 -3.83 -12.30 -18.39
CA THR A 33 -2.50 -12.85 -18.55
C THR A 33 -1.75 -12.08 -19.63
N PRO A 34 -0.44 -11.82 -19.46
CA PRO A 34 0.28 -11.04 -20.48
C PRO A 34 0.06 -11.62 -21.87
N GLY A 35 0.04 -10.71 -22.86
CA GLY A 35 -0.31 -11.03 -24.23
C GLY A 35 -1.78 -10.84 -24.54
N ASP A 36 -2.64 -10.97 -23.54
CA ASP A 36 -4.06 -10.74 -23.72
C ASP A 36 -4.36 -9.25 -23.88
N SER A 37 -5.58 -8.95 -24.29
CA SER A 37 -5.98 -7.58 -24.54
C SER A 37 -7.19 -7.27 -23.69
N VAL A 38 -7.23 -6.06 -23.13
CA VAL A 38 -8.30 -5.73 -22.21
C VAL A 38 -8.90 -4.38 -22.58
N SER A 39 -10.19 -4.27 -22.31
CA SER A 39 -10.97 -3.05 -22.47
C SER A 39 -11.55 -2.72 -21.10
N LEU A 40 -11.10 -1.63 -20.50
CA LEU A 40 -11.69 -1.10 -19.28
C LEU A 40 -12.69 -0.02 -19.65
N SER A 41 -13.80 0.04 -18.92
CA SER A 41 -14.86 0.98 -19.21
C SER A 41 -14.94 2.06 -18.14
N CYS A 42 -15.32 3.25 -18.59
CA CYS A 42 -15.55 4.41 -17.73
C CYS A 42 -16.78 5.14 -18.25
N ARG A 43 -17.79 5.31 -17.40
CA ARG A 43 -19.03 5.96 -17.75
C ARG A 43 -19.20 7.22 -16.91
N ALA A 44 -19.71 8.29 -17.53
CA ALA A 44 -19.89 9.59 -16.90
C ALA A 44 -21.36 9.87 -16.68
N SER A 45 -21.66 10.60 -15.60
CA SER A 45 -23.05 10.86 -15.24
C SER A 45 -23.72 11.85 -16.19
N GLN A 46 -22.95 12.71 -16.85
CA GLN A 46 -23.49 13.63 -17.84
C GLN A 46 -22.36 13.97 -18.80
N SER A 47 -22.70 14.63 -19.90
CA SER A 47 -21.73 14.85 -20.95
C SER A 47 -20.55 15.67 -20.43
N ILE A 48 -19.37 15.40 -20.97
CA ILE A 48 -18.17 16.06 -20.52
C ILE A 48 -17.31 16.41 -21.72
N SER A 49 -17.94 16.62 -22.87
CA SER A 49 -17.21 16.93 -24.09
C SER A 49 -16.16 15.83 -24.28
N ASN A 50 -14.98 16.16 -24.78
CA ASN A 50 -13.88 15.20 -24.89
C ASN A 50 -12.84 15.38 -23.79
N ASN A 51 -13.18 16.07 -22.71
CA ASN A 51 -12.21 16.31 -21.64
C ASN A 51 -12.21 15.13 -20.66
N LEU A 52 -11.87 13.96 -21.20
CA LEU A 52 -11.80 12.71 -20.45
C LEU A 52 -10.40 12.13 -20.62
N HIS A 53 -9.68 11.96 -19.52
CA HIS A 53 -8.32 11.46 -19.60
C HIS A 53 -8.17 10.16 -18.80
N TRP A 54 -7.17 9.38 -19.15
CA TRP A 54 -6.90 8.11 -18.49
C TRP A 54 -5.55 8.17 -17.80
N TYR A 55 -5.48 7.66 -16.57
CA TYR A 55 -4.26 7.66 -15.78
C TYR A 55 -3.95 6.25 -15.26
N GLN A 56 -2.67 5.89 -15.25
CA GLN A 56 -2.20 4.68 -14.59
C GLN A 56 -1.41 5.06 -13.34
N GLN A 57 -1.62 4.30 -12.26
CA GLN A 57 -0.94 4.58 -10.99
C GLN A 57 -0.43 3.29 -10.37
N LYS A 58 0.88 3.20 -10.21
CA LYS A 58 1.50 2.11 -9.48
C LYS A 58 1.55 2.44 -7.98
N SER A 59 1.84 1.42 -7.19
CA SER A 59 1.83 1.54 -5.74
C SER A 59 2.83 2.61 -5.30
N HIS A 60 2.40 3.48 -4.37
CA HIS A 60 3.24 4.53 -3.81
C HIS A 60 3.80 5.47 -4.87
N GLU A 61 3.06 5.66 -5.96
CA GLU A 61 3.46 6.54 -7.05
C GLU A 61 2.33 7.49 -7.41
N PRO A 62 2.65 8.72 -7.83
CA PRO A 62 1.61 9.58 -8.38
C PRO A 62 1.04 8.98 -9.65
N PRO A 63 -0.24 9.20 -9.92
CA PRO A 63 -0.82 8.79 -11.21
C PRO A 63 -0.04 9.40 -12.38
N ARG A 64 -0.06 8.70 -13.51
CA ARG A 64 0.71 9.09 -14.68
C ARG A 64 -0.18 9.13 -15.91
N LEU A 65 -0.17 10.25 -16.60
CA LEU A 65 -1.13 10.48 -17.66
C LEU A 65 -0.90 9.51 -18.80
N LEU A 66 -1.97 8.86 -19.23
CA LEU A 66 -1.90 7.74 -20.16
C LEU A 66 -2.56 8.07 -21.50
N ILE A 67 -3.78 8.53 -21.47
CA ILE A 67 -4.49 9.01 -22.64
C ILE A 67 -5.14 10.34 -22.27
N LYS A 68 -5.07 11.31 -23.16
CA LYS A 68 -5.68 12.61 -22.96
C LYS A 68 -6.75 12.83 -23.99
N TYR A 69 -7.75 13.63 -23.63
CA TYR A 69 -8.77 14.06 -24.57
C TYR A 69 -9.39 12.85 -25.27
N VAL A 70 -9.91 11.93 -24.45
CA VAL A 70 -10.62 10.74 -24.88
C VAL A 70 -9.73 9.75 -25.63
N SER A 71 -8.94 10.22 -26.59
CA SER A 71 -8.25 9.25 -27.42
C SER A 71 -6.85 9.64 -27.86
N GLN A 72 -6.32 10.79 -27.44
CA GLN A 72 -5.11 11.33 -28.04
C GLN A 72 -3.86 10.89 -27.31
N SER A 73 -2.78 10.73 -28.07
CA SER A 73 -1.56 10.13 -27.55
C SER A 73 -0.86 11.07 -26.57
N VAL A 74 -0.22 10.46 -25.58
CA VAL A 74 0.48 11.18 -24.52
C VAL A 74 1.96 10.84 -24.60
N SER A 75 2.82 11.86 -24.49
CA SER A 75 4.24 11.64 -24.69
C SER A 75 4.78 10.61 -23.70
N GLY A 76 5.56 9.65 -24.22
CA GLY A 76 6.26 8.68 -23.40
C GLY A 76 5.45 7.44 -23.04
N ILE A 77 4.18 7.38 -23.44
CA ILE A 77 3.31 6.27 -23.11
C ILE A 77 3.39 5.24 -24.21
N PRO A 78 3.63 3.98 -23.86
CA PRO A 78 3.64 2.90 -24.86
C PRO A 78 2.44 2.95 -25.79
N SER A 79 2.68 2.55 -27.04
CA SER A 79 1.61 2.56 -28.04
C SER A 79 0.53 1.54 -27.73
N ARG A 80 0.82 0.53 -26.91
CA ARG A 80 -0.18 -0.50 -26.67
C ARG A 80 -1.42 0.06 -25.98
N PHE A 81 -1.28 1.18 -25.28
CA PHE A 81 -2.43 1.85 -24.67
C PHE A 81 -3.16 2.66 -25.73
N SER A 82 -4.49 2.61 -25.69
CA SER A 82 -5.29 3.45 -26.55
C SER A 82 -6.64 3.69 -25.89
N GLY A 83 -7.19 4.87 -26.12
CA GLY A 83 -8.46 5.22 -25.52
C GLY A 83 -9.47 5.55 -26.58
N SER A 84 -10.75 5.44 -26.23
CA SER A 84 -11.84 5.57 -27.18
C SER A 84 -13.08 6.07 -26.45
N GLY A 85 -14.13 6.38 -27.22
CA GLY A 85 -15.41 6.67 -26.63
C GLY A 85 -16.07 7.91 -27.18
N SER A 86 -17.22 8.24 -26.60
CA SER A 86 -18.06 9.37 -26.99
C SER A 86 -19.12 9.55 -25.92
N GLY A 87 -19.91 10.60 -26.05
CA GLY A 87 -20.99 10.88 -25.13
C GLY A 87 -20.60 10.65 -23.68
N THR A 88 -21.16 9.62 -23.05
CA THR A 88 -20.85 9.31 -21.65
C THR A 88 -20.14 7.97 -21.48
N ASP A 89 -19.68 7.35 -22.56
CA ASP A 89 -19.18 5.98 -22.54
C ASP A 89 -17.77 5.95 -23.13
N PHE A 90 -16.77 5.68 -22.29
CA PHE A 90 -15.38 5.72 -22.69
C PHE A 90 -14.72 4.40 -22.35
N THR A 91 -13.66 4.07 -23.09
CA THR A 91 -12.92 2.84 -22.88
C THR A 91 -11.43 3.11 -22.97
N LEU A 92 -10.67 2.41 -22.15
CA LEU A 92 -9.24 2.30 -22.27
C LEU A 92 -8.92 0.89 -22.74
N SER A 93 -8.19 0.77 -23.84
CA SER A 93 -7.79 -0.53 -24.38
C SER A 93 -6.29 -0.72 -24.24
N ILE A 94 -5.89 -1.92 -23.84
CA ILE A 94 -4.49 -2.32 -23.78
C ILE A 94 -4.31 -3.48 -24.73
N ASN A 95 -3.83 -3.22 -25.94
CA ASN A 95 -3.51 -4.28 -26.88
C ASN A 95 -2.25 -5.02 -26.43
N SER A 96 -2.41 -6.30 -26.09
CA SER A 96 -1.33 -7.18 -25.63
C SER A 96 -0.67 -6.64 -24.37
N VAL A 97 -1.30 -6.91 -23.23
CA VAL A 97 -0.85 -6.40 -21.94
C VAL A 97 0.52 -6.98 -21.63
N GLU A 98 1.35 -6.17 -20.97
CA GLU A 98 2.66 -6.63 -20.54
C GLU A 98 2.73 -6.69 -19.02
N THR A 99 3.76 -7.37 -18.53
CA THR A 99 3.90 -7.58 -17.09
C THR A 99 4.13 -6.28 -16.34
N GLU A 100 4.55 -5.22 -17.02
CA GLU A 100 4.72 -3.96 -16.33
C GLU A 100 3.40 -3.19 -16.18
N ASP A 101 2.31 -3.69 -16.75
CA ASP A 101 1.06 -2.92 -16.80
C ASP A 101 0.12 -3.20 -15.64
N PHE A 102 0.55 -3.98 -14.66
CA PHE A 102 -0.21 -4.06 -13.42
C PHE A 102 -0.35 -2.68 -12.80
N GLY A 103 -1.50 -2.42 -12.20
CA GLY A 103 -1.67 -1.24 -11.40
C GLY A 103 -3.12 -0.77 -11.44
N MET A 104 -3.30 0.48 -11.03
CA MET A 104 -4.61 1.09 -10.95
C MET A 104 -4.82 2.04 -12.13
N TYR A 105 -6.02 1.98 -12.73
CA TYR A 105 -6.36 2.77 -13.90
C TYR A 105 -7.59 3.61 -13.58
N PHE A 106 -7.44 4.93 -13.66
CA PHE A 106 -8.52 5.89 -13.44
C PHE A 106 -8.85 6.62 -14.72
N CYS A 107 -10.11 6.96 -14.90
CA CYS A 107 -10.44 8.01 -15.82
C CYS A 107 -10.62 9.30 -15.01
N GLY A 108 -10.38 10.42 -15.67
CA GLY A 108 -10.56 11.71 -15.02
C GLY A 108 -11.17 12.72 -15.97
N GLN A 109 -12.17 13.45 -15.53
CA GLN A 109 -12.76 14.49 -16.36
C GLN A 109 -12.19 15.85 -15.96
N SER A 110 -12.09 16.74 -16.96
CA SER A 110 -11.64 18.11 -16.72
C SER A 110 -12.55 19.11 -17.42
N ASN A 111 -13.77 18.72 -17.68
CA ASN A 111 -14.71 19.60 -18.34
C ASN A 111 -15.34 20.60 -17.39
N SER A 112 -15.15 20.44 -16.08
CA SER A 112 -15.92 21.24 -15.13
C SER A 112 -15.27 21.20 -13.75
N TRP A 113 -15.56 22.22 -12.95
CA TRP A 113 -15.05 22.05 -11.60
C TRP A 113 -16.18 21.60 -10.68
N PRO A 114 -15.90 20.79 -9.66
CA PRO A 114 -14.58 20.21 -9.38
C PRO A 114 -14.15 19.16 -10.42
N ARG A 115 -12.85 18.93 -10.52
CA ARG A 115 -12.38 17.77 -11.26
C ARG A 115 -12.76 16.51 -10.51
N THR A 116 -13.21 15.49 -11.24
CA THR A 116 -13.55 14.25 -10.59
C THR A 116 -12.90 13.08 -11.32
N PHE A 117 -12.79 11.98 -10.60
CA PHE A 117 -12.15 10.77 -11.08
C PHE A 117 -13.05 9.58 -10.78
N GLY A 118 -12.90 8.54 -11.57
CA GLY A 118 -13.60 7.31 -11.32
C GLY A 118 -13.00 6.54 -10.16
N GLY A 119 -13.67 5.46 -9.79
CA GLY A 119 -13.21 4.67 -8.67
C GLY A 119 -11.94 3.91 -8.94
N GLY A 120 -11.62 3.65 -10.20
CA GLY A 120 -10.44 2.87 -10.51
C GLY A 120 -10.76 1.44 -10.92
N THR A 121 -9.83 0.86 -11.66
CA THR A 121 -9.82 -0.56 -12.00
C THR A 121 -8.44 -1.06 -11.63
N LYS A 122 -8.36 -2.05 -10.75
CA LYS A 122 -7.07 -2.64 -10.43
C LYS A 122 -6.77 -3.76 -11.45
N LEU A 123 -5.72 -3.57 -12.24
CA LEU A 123 -5.30 -4.58 -13.18
C LEU A 123 -4.30 -5.47 -12.48
N GLU A 124 -4.67 -6.72 -12.28
CA GLU A 124 -3.77 -7.74 -11.78
C GLU A 124 -3.23 -8.54 -12.95
N ILE A 125 -2.05 -9.12 -12.76
CA ILE A 125 -1.44 -9.96 -13.76
C ILE A 125 -1.79 -11.41 -13.44
N LYS A 126 -2.40 -12.09 -14.40
CA LYS A 126 -2.82 -13.48 -14.22
C LYS A 126 -1.69 -14.41 -14.63
N ARG A 127 -1.71 -15.62 -14.06
CA ARG A 127 -0.51 -16.42 -13.91
C ARG A 127 -0.94 -17.83 -13.50
N THR A 128 -0.07 -18.82 -13.74
CA THR A 128 -0.39 -20.20 -13.33
C THR A 128 -0.70 -20.29 -11.83
N VAL A 129 -1.67 -21.11 -11.50
CA VAL A 129 -2.03 -21.33 -10.11
C VAL A 129 -0.82 -21.89 -9.35
N ALA A 130 -0.50 -21.28 -8.22
CA ALA A 130 0.63 -21.72 -7.39
C ALA A 130 0.12 -21.94 -5.98
N ALA A 131 0.29 -23.15 -5.47
CA ALA A 131 -0.07 -23.40 -4.09
C ALA A 131 0.85 -22.63 -3.14
N PRO A 132 0.36 -22.23 -1.98
CA PRO A 132 1.24 -21.61 -0.99
C PRO A 132 2.12 -22.65 -0.32
N SER A 133 3.27 -22.19 0.14
CA SER A 133 4.01 -22.90 1.14
C SER A 133 3.60 -22.34 2.49
N VAL A 134 3.34 -23.23 3.45
CA VAL A 134 2.82 -22.82 4.74
C VAL A 134 3.86 -23.08 5.80
N PHE A 135 4.00 -22.11 6.69
CA PHE A 135 4.94 -22.15 7.80
C PHE A 135 4.26 -21.53 9.01
N ILE A 136 4.48 -22.12 10.17
CA ILE A 136 3.88 -21.62 11.40
C ILE A 136 5.02 -21.28 12.35
N PHE A 137 4.82 -20.23 13.15
CA PHE A 137 5.88 -19.68 14.01
C PHE A 137 5.30 -19.46 15.40
N PRO A 138 5.79 -20.16 16.43
CA PRO A 138 5.33 -19.88 17.80
C PRO A 138 5.80 -18.52 18.27
N PRO A 139 5.19 -17.96 19.30
CA PRO A 139 5.68 -16.67 19.82
C PRO A 139 7.04 -16.86 20.47
N SER A 140 7.90 -15.87 20.31
CA SER A 140 9.19 -15.94 20.99
C SER A 140 9.02 -15.90 22.50
N ASP A 141 10.05 -16.35 23.20
CA ASP A 141 10.01 -16.30 24.66
C ASP A 141 10.10 -14.85 25.15
N GLU A 142 10.92 -14.05 24.47
CA GLU A 142 11.03 -12.63 24.83
C GLU A 142 9.67 -11.97 24.90
N GLN A 143 8.86 -12.12 23.84
CA GLN A 143 7.55 -11.47 23.77
C GLN A 143 6.63 -11.99 24.86
N LEU A 144 6.69 -13.29 25.14
CA LEU A 144 5.87 -13.89 26.18
C LEU A 144 6.11 -13.23 27.54
N LYS A 145 7.37 -13.09 27.96
CA LYS A 145 7.66 -12.47 29.25
C LYS A 145 7.03 -11.09 29.39
N SER A 146 6.73 -10.42 28.28
CA SER A 146 6.13 -9.09 28.32
C SER A 146 4.62 -9.12 28.27
N GLY A 147 4.00 -10.30 28.23
CA GLY A 147 2.56 -10.39 28.39
C GLY A 147 1.75 -10.76 27.17
N THR A 148 2.37 -10.91 25.99
CA THR A 148 1.60 -11.14 24.77
C THR A 148 2.23 -12.27 23.96
N ALA A 149 1.38 -13.03 23.29
CA ALA A 149 1.83 -14.07 22.37
C ALA A 149 1.30 -13.75 20.98
N SER A 150 2.20 -13.52 20.03
CA SER A 150 1.82 -13.43 18.61
C SER A 150 2.22 -14.73 17.95
N VAL A 151 1.23 -15.51 17.52
CA VAL A 151 1.50 -16.71 16.73
C VAL A 151 1.36 -16.30 15.28
N VAL A 152 2.23 -16.80 14.41
CA VAL A 152 2.30 -16.32 13.04
C VAL A 152 2.19 -17.48 12.08
N CYS A 153 1.33 -17.32 11.08
CA CYS A 153 1.22 -18.24 9.97
C CYS A 153 1.56 -17.52 8.66
N LEU A 154 2.48 -18.11 7.90
CA LEU A 154 2.97 -17.54 6.66
C LEU A 154 2.52 -18.42 5.49
N LEU A 155 1.80 -17.83 4.55
CA LEU A 155 1.48 -18.46 3.27
C LEU A 155 2.34 -17.79 2.23
N ASN A 156 3.18 -18.57 1.55
CA ASN A 156 4.28 -18.02 0.77
C ASN A 156 4.17 -18.37 -0.71
N ASN A 157 4.23 -17.35 -1.56
CA ASN A 157 4.38 -17.45 -3.02
C ASN A 157 3.27 -18.29 -3.62
N PHE A 158 2.06 -17.76 -3.51
CA PHE A 158 0.90 -18.44 -4.01
C PHE A 158 0.12 -17.51 -4.94
N TYR A 159 -0.75 -18.11 -5.74
CA TYR A 159 -1.56 -17.48 -6.77
C TYR A 159 -2.69 -18.43 -7.16
N PRO A 160 -3.93 -17.95 -7.26
CA PRO A 160 -4.38 -16.57 -7.01
C PRO A 160 -4.45 -16.13 -5.55
N ARG A 161 -5.11 -14.97 -5.35
CA ARG A 161 -5.09 -14.26 -4.08
C ARG A 161 -5.98 -14.91 -3.04
N GLU A 162 -7.14 -15.43 -3.43
CA GLU A 162 -8.07 -16.00 -2.47
C GLU A 162 -7.39 -17.10 -1.67
N ALA A 163 -7.47 -17.02 -0.35
CA ALA A 163 -7.02 -18.12 0.49
C ALA A 163 -7.73 -18.06 1.82
N LYS A 164 -8.02 -19.22 2.39
CA LYS A 164 -8.61 -19.30 3.71
C LYS A 164 -7.55 -19.78 4.69
N VAL A 165 -7.38 -19.02 5.77
CA VAL A 165 -6.46 -19.31 6.86
C VAL A 165 -7.28 -19.47 8.12
N GLN A 166 -7.20 -20.65 8.72
CA GLN A 166 -8.05 -21.03 9.85
C GLN A 166 -7.14 -21.35 11.02
N TRP A 167 -7.29 -20.62 12.13
CA TRP A 167 -6.54 -20.91 13.35
C TRP A 167 -7.31 -21.88 14.23
N LYS A 168 -6.62 -22.91 14.70
CA LYS A 168 -7.18 -23.88 15.63
C LYS A 168 -6.28 -23.93 16.85
N VAL A 169 -6.84 -23.62 18.01
CA VAL A 169 -6.14 -23.73 19.28
C VAL A 169 -6.77 -24.87 20.04
N ASP A 170 -5.98 -25.93 20.30
CA ASP A 170 -6.45 -27.16 20.92
C ASP A 170 -7.75 -27.64 20.30
N ASN A 171 -7.81 -27.53 18.96
CA ASN A 171 -8.88 -27.91 18.05
C ASN A 171 -10.06 -26.95 18.11
N ALA A 172 -10.09 -26.02 19.05
CA ALA A 172 -11.08 -24.95 19.01
C ALA A 172 -10.78 -24.00 17.86
N LEU A 173 -11.79 -23.70 17.07
CA LEU A 173 -11.61 -22.84 15.90
C LEU A 173 -11.70 -21.37 16.30
N GLN A 174 -10.67 -20.61 15.98
CA GLN A 174 -10.54 -19.22 16.42
C GLN A 174 -11.29 -18.23 15.53
N SER A 175 -11.78 -17.15 16.16
CA SER A 175 -12.59 -16.16 15.49
C SER A 175 -11.85 -14.83 15.35
N GLY A 176 -12.32 -13.77 16.00
CA GLY A 176 -11.81 -12.44 15.70
C GLY A 176 -10.55 -12.03 16.41
N ASN A 177 -9.59 -12.94 16.56
CA ASN A 177 -8.35 -12.67 17.27
C ASN A 177 -7.13 -12.77 16.37
N SER A 178 -7.28 -12.44 15.09
CA SER A 178 -6.16 -12.50 14.15
C SER A 178 -6.35 -11.44 13.08
N GLN A 179 -5.21 -11.02 12.49
CA GLN A 179 -5.17 -10.04 11.41
C GLN A 179 -4.31 -10.60 10.29
N GLU A 180 -4.77 -10.43 9.05
CA GLU A 180 -4.02 -10.84 7.88
C GLU A 180 -3.32 -9.66 7.25
N SER A 181 -2.34 -9.97 6.41
CA SER A 181 -1.55 -8.94 5.76
C SER A 181 -0.94 -9.58 4.54
N VAL A 182 -1.05 -8.92 3.38
CA VAL A 182 -0.70 -9.51 2.10
C VAL A 182 0.24 -8.58 1.37
N THR A 183 1.19 -9.15 0.64
CA THR A 183 2.08 -8.40 -0.21
C THR A 183 1.40 -8.04 -1.53
N GLU A 184 1.95 -7.03 -2.20
CA GLU A 184 1.52 -6.84 -3.57
C GLU A 184 2.12 -7.92 -4.45
N GLN A 185 1.63 -8.01 -5.68
CA GLN A 185 2.10 -9.05 -6.57
C GLN A 185 3.61 -8.99 -6.68
N ASP A 186 4.25 -10.13 -6.49
CA ASP A 186 5.71 -10.17 -6.45
C ASP A 186 6.29 -9.73 -7.79
N SER A 187 7.38 -8.95 -7.73
CA SER A 187 7.96 -8.44 -8.97
C SER A 187 8.70 -9.51 -9.75
N LYS A 188 8.99 -10.65 -9.15
CA LYS A 188 9.67 -11.73 -9.86
C LYS A 188 8.68 -12.67 -10.52
N ASP A 189 7.77 -13.27 -9.77
CA ASP A 189 6.92 -14.32 -10.30
C ASP A 189 5.44 -14.01 -10.18
N SER A 190 5.08 -12.78 -9.82
CA SER A 190 3.70 -12.31 -9.76
C SER A 190 2.86 -13.04 -8.71
N THR A 191 3.50 -13.65 -7.72
CA THR A 191 2.74 -14.31 -6.67
C THR A 191 2.44 -13.38 -5.51
N TYR A 192 1.62 -13.87 -4.61
CA TYR A 192 1.29 -13.23 -3.37
C TYR A 192 1.87 -14.01 -2.21
N SER A 193 2.10 -13.31 -1.11
CA SER A 193 2.44 -13.91 0.16
C SER A 193 1.57 -13.26 1.21
N LEU A 194 1.14 -14.04 2.20
CA LEU A 194 0.40 -13.38 3.27
C LEU A 194 0.77 -13.96 4.63
N SER A 195 0.51 -13.14 5.63
CA SER A 195 0.78 -13.49 7.02
C SER A 195 -0.54 -13.42 7.76
N SER A 196 -0.79 -14.42 8.62
CA SER A 196 -1.91 -14.41 9.56
C SER A 196 -1.31 -14.42 10.95
N THR A 197 -1.64 -13.40 11.75
CA THR A 197 -1.06 -13.18 13.06
C THR A 197 -2.14 -13.36 14.13
N LEU A 198 -2.10 -14.50 14.80
CA LEU A 198 -2.90 -14.72 16.01
C LEU A 198 -2.24 -13.98 17.16
N THR A 199 -3.02 -13.19 17.88
CA THR A 199 -2.52 -12.43 19.02
C THR A 199 -3.37 -12.80 20.24
N LEU A 200 -2.71 -13.34 21.25
CA LEU A 200 -3.35 -13.69 22.51
C LEU A 200 -2.52 -13.14 23.64
N SER A 201 -3.16 -12.96 24.79
CA SER A 201 -2.43 -12.68 26.02
C SER A 201 -1.56 -13.87 26.40
N LYS A 202 -0.46 -13.58 27.10
CA LYS A 202 0.39 -14.64 27.63
C LYS A 202 -0.45 -15.66 28.36
N ALA A 203 -1.32 -15.18 29.25
CA ALA A 203 -2.17 -16.06 30.03
C ALA A 203 -2.98 -17.00 29.15
N ASP A 204 -3.62 -16.46 28.11
CA ASP A 204 -4.49 -17.29 27.28
C ASP A 204 -3.67 -18.27 26.46
N TYR A 205 -2.63 -17.76 25.79
CA TYR A 205 -1.70 -18.63 25.09
C TYR A 205 -1.26 -19.81 25.96
N GLU A 206 -0.92 -19.55 27.22
CA GLU A 206 -0.44 -20.61 28.08
C GLU A 206 -1.56 -21.46 28.68
N LYS A 207 -2.80 -21.30 28.21
CA LYS A 207 -3.90 -22.17 28.63
C LYS A 207 -4.10 -23.34 27.68
N HIS A 208 -3.29 -23.46 26.64
CA HIS A 208 -3.49 -24.45 25.60
C HIS A 208 -2.13 -24.88 25.02
N LYS A 209 -2.11 -26.06 24.39
CA LYS A 209 -0.87 -26.69 23.98
C LYS A 209 -0.64 -26.64 22.47
N VAL A 210 -1.65 -26.98 21.68
CA VAL A 210 -1.48 -27.32 20.27
C VAL A 210 -2.03 -26.17 19.43
N TYR A 211 -1.13 -25.47 18.72
CA TYR A 211 -1.49 -24.31 17.90
C TYR A 211 -1.34 -24.63 16.42
N ALA A 212 -2.43 -24.50 15.67
CA ALA A 212 -2.51 -25.00 14.31
C ALA A 212 -3.02 -23.93 13.36
N CYS A 213 -2.43 -23.90 12.17
CA CYS A 213 -2.83 -23.01 11.10
C CYS A 213 -3.23 -23.87 9.92
N GLU A 214 -4.47 -23.71 9.44
CA GLU A 214 -5.03 -24.53 8.38
C GLU A 214 -5.29 -23.68 7.14
N VAL A 215 -4.66 -24.03 6.02
CA VAL A 215 -4.71 -23.21 4.81
C VAL A 215 -5.47 -23.93 3.71
N THR A 216 -6.52 -23.29 3.20
CA THR A 216 -7.28 -23.78 2.05
C THR A 216 -6.94 -22.92 0.85
N HIS A 217 -6.64 -23.54 -0.29
CA HIS A 217 -6.27 -22.80 -1.49
C HIS A 217 -6.45 -23.65 -2.74
N GLN A 218 -6.77 -22.99 -3.86
CA GLN A 218 -7.09 -23.66 -5.12
C GLN A 218 -6.03 -24.68 -5.54
N GLY A 219 -4.77 -24.40 -5.25
CA GLY A 219 -3.68 -25.23 -5.71
C GLY A 219 -3.33 -26.36 -4.77
N LEU A 220 -4.13 -26.53 -3.71
CA LEU A 220 -3.97 -27.60 -2.75
C LEU A 220 -5.13 -28.58 -2.91
N SER A 221 -4.80 -29.87 -3.01
CA SER A 221 -5.84 -30.90 -3.14
C SER A 221 -6.69 -30.98 -1.88
N SER A 222 -6.13 -30.60 -0.74
CA SER A 222 -6.82 -30.59 0.53
C SER A 222 -6.10 -29.61 1.44
N PRO A 223 -6.74 -29.16 2.52
CA PRO A 223 -6.14 -28.11 3.34
C PRO A 223 -4.85 -28.58 3.99
N VAL A 224 -3.88 -27.66 4.05
CA VAL A 224 -2.58 -27.92 4.65
C VAL A 224 -2.58 -27.36 6.06
N THR A 225 -2.21 -28.19 7.03
CA THR A 225 -2.22 -27.80 8.43
C THR A 225 -0.80 -27.82 8.97
N LYS A 226 -0.38 -26.71 9.54
CA LYS A 226 0.91 -26.59 10.18
C LYS A 226 0.68 -26.32 11.66
N SER A 227 1.43 -27.02 12.49
CA SER A 227 1.13 -26.99 13.92
C SER A 227 2.40 -27.17 14.72
N PHE A 228 2.31 -26.74 15.98
CA PHE A 228 3.33 -27.00 16.97
C PHE A 228 2.62 -27.22 18.28
N ASN A 229 3.37 -27.80 19.21
CA ASN A 229 2.87 -28.22 20.51
C ASN A 229 3.78 -27.57 21.54
N ARG A 230 3.18 -26.77 22.44
CA ARG A 230 3.95 -26.07 23.46
C ARG A 230 4.72 -27.02 24.36
N GLY A 231 4.40 -28.30 24.35
CA GLY A 231 5.16 -29.24 25.14
C GLY A 231 6.46 -29.72 24.52
N GLU A 232 6.79 -29.28 23.30
CA GLU A 232 7.88 -29.86 22.51
C GLU A 232 8.78 -28.79 21.93
N CYS A 233 10.08 -28.92 22.20
CA CYS A 233 11.08 -28.06 21.58
C CYS A 233 11.66 -28.80 20.39
N GLN B 1 12.04 21.47 -18.53
CA GLN B 1 11.75 20.25 -17.78
C GLN B 1 10.89 20.51 -16.53
N VAL B 2 9.58 20.65 -16.70
CA VAL B 2 8.68 20.88 -15.57
C VAL B 2 8.79 19.77 -14.54
N GLN B 3 8.81 20.15 -13.26
CA GLN B 3 8.92 19.23 -12.13
C GLN B 3 8.21 19.83 -10.92
N LEU B 4 7.40 19.03 -10.21
CA LEU B 4 6.77 19.44 -8.96
C LEU B 4 7.28 18.58 -7.79
N GLN B 5 7.70 19.23 -6.70
CA GLN B 5 8.35 18.56 -5.58
C GLN B 5 7.61 18.86 -4.29
N GLU B 6 7.02 17.84 -3.67
CA GLU B 6 6.25 18.07 -2.45
C GLU B 6 7.11 17.82 -1.20
N SER B 7 6.54 18.12 -0.04
CA SER B 7 7.30 18.05 1.18
C SER B 7 7.04 16.73 1.88
N GLY B 8 7.77 16.52 2.98
CA GLY B 8 7.85 15.21 3.61
C GLY B 8 6.58 14.75 4.30
N ALA B 9 6.60 13.50 4.72
CA ALA B 9 5.49 12.94 5.47
C ALA B 9 5.28 13.71 6.77
N GLU B 10 4.03 13.70 7.25
CA GLU B 10 3.65 14.46 8.42
C GLU B 10 2.73 13.61 9.27
N VAL B 11 2.92 13.67 10.59
CA VAL B 11 2.16 12.91 11.57
C VAL B 11 1.72 13.88 12.66
N MET B 12 0.42 14.14 12.74
CA MET B 12 -0.11 15.13 13.67
C MET B 12 -1.23 14.54 14.54
N LYS B 13 -1.33 15.09 15.75
CA LYS B 13 -2.42 14.80 16.66
C LYS B 13 -3.72 15.47 16.20
N PRO B 14 -4.87 14.87 16.48
CA PRO B 14 -6.14 15.44 16.01
C PRO B 14 -6.36 16.84 16.56
N GLY B 15 -6.90 17.71 15.71
CA GLY B 15 -7.06 19.11 16.03
C GLY B 15 -5.87 19.99 15.70
N ALA B 16 -4.77 19.40 15.25
CA ALA B 16 -3.64 20.20 14.82
C ALA B 16 -3.86 20.73 13.40
N SER B 17 -2.91 21.52 12.93
CA SER B 17 -2.88 22.05 11.58
C SER B 17 -1.58 21.61 10.92
N VAL B 18 -1.65 21.33 9.62
CA VAL B 18 -0.46 21.00 8.86
C VAL B 18 -0.44 21.81 7.57
N LYS B 19 0.76 22.13 7.09
CA LYS B 19 0.95 22.84 5.83
C LYS B 19 1.87 22.02 4.93
N ILE B 20 1.36 21.64 3.76
CA ILE B 20 2.12 20.88 2.78
C ILE B 20 2.52 21.84 1.67
N SER B 21 3.75 21.70 1.19
CA SER B 21 4.27 22.56 0.15
C SER B 21 4.38 21.80 -1.16
N CYS B 22 4.39 22.57 -2.25
CA CYS B 22 4.55 22.04 -3.60
C CYS B 22 5.46 23.02 -4.35
N LYS B 23 6.72 22.63 -4.57
CA LYS B 23 7.73 23.48 -5.18
C LYS B 23 7.82 23.17 -6.67
N ALA B 24 7.35 24.11 -7.50
CA ALA B 24 7.39 23.97 -8.95
C ALA B 24 8.69 24.51 -9.51
N THR B 25 9.08 23.96 -10.65
CA THR B 25 10.29 24.38 -11.33
C THR B 25 10.12 24.06 -12.81
N GLY B 26 10.81 24.81 -13.66
CA GLY B 26 10.75 24.57 -15.09
C GLY B 26 9.85 25.50 -15.89
N TYR B 27 9.17 26.44 -15.25
CA TYR B 27 8.27 27.35 -15.94
C TYR B 27 7.99 28.53 -15.03
N THR B 28 7.33 29.52 -15.58
CA THR B 28 6.95 30.69 -14.80
C THR B 28 5.85 30.33 -13.84
N PHE B 29 6.16 30.36 -12.54
CA PHE B 29 5.25 29.81 -11.54
C PHE B 29 3.85 30.39 -11.66
N SER B 30 3.75 31.68 -12.01
CA SER B 30 2.49 32.41 -11.91
C SER B 30 1.60 32.28 -13.14
N THR B 31 1.94 31.40 -14.08
CA THR B 31 1.16 31.26 -15.30
C THR B 31 0.45 29.92 -15.43
N TYR B 32 0.56 29.04 -14.45
CA TYR B 32 -0.13 27.77 -14.46
C TYR B 32 -0.76 27.54 -13.10
N TRP B 33 -1.90 26.88 -13.08
CA TRP B 33 -2.56 26.62 -11.81
C TRP B 33 -1.89 25.46 -11.09
N ILE B 34 -1.97 25.48 -9.76
CA ILE B 34 -1.51 24.39 -8.91
C ILE B 34 -2.73 23.77 -8.26
N GLU B 35 -3.00 22.50 -8.56
CA GLU B 35 -4.18 21.82 -8.09
C GLU B 35 -3.84 20.72 -7.09
N TRP B 36 -4.74 20.48 -6.14
CA TRP B 36 -4.47 19.62 -5.00
C TRP B 36 -5.52 18.52 -4.93
N MET B 37 -5.07 17.30 -4.71
CA MET B 37 -5.95 16.15 -4.65
C MET B 37 -5.64 15.34 -3.41
N LYS B 38 -6.66 14.67 -2.88
CA LYS B 38 -6.50 13.81 -1.72
C LYS B 38 -6.86 12.39 -2.13
N GLN B 39 -6.00 11.44 -1.77
CA GLN B 39 -6.23 10.03 -2.04
C GLN B 39 -6.07 9.25 -0.74
N ARG B 40 -7.11 8.56 -0.35
CA ARG B 40 -7.08 7.75 0.86
C ARG B 40 -6.66 6.33 0.53
N PRO B 41 -6.10 5.61 1.52
CA PRO B 41 -5.58 4.25 1.25
C PRO B 41 -6.56 3.39 0.51
N GLY B 42 -6.18 2.96 -0.68
CA GLY B 42 -7.02 2.12 -1.51
C GLY B 42 -8.28 2.83 -1.91
N GLY B 43 -8.14 4.02 -2.47
CA GLY B 43 -9.31 4.82 -2.82
C GLY B 43 -9.04 5.66 -4.04
N GLY B 44 -10.06 6.38 -4.47
CA GLY B 44 -9.96 7.23 -5.63
C GLY B 44 -9.34 8.56 -5.31
N LEU B 45 -9.17 9.36 -6.36
CA LEU B 45 -8.66 10.71 -6.22
C LEU B 45 -9.81 11.67 -5.95
N GLU B 46 -9.56 12.62 -5.06
CA GLU B 46 -10.55 13.61 -4.65
C GLU B 46 -9.98 15.00 -4.84
N TYR B 47 -10.71 15.86 -5.54
CA TYR B 47 -10.27 17.22 -5.80
C TYR B 47 -10.42 18.10 -4.57
N ILE B 48 -9.34 18.81 -4.20
CA ILE B 48 -9.39 19.72 -3.08
C ILE B 48 -9.68 21.11 -3.61
N GLY B 49 -8.80 21.60 -4.48
CA GLY B 49 -8.93 22.92 -5.05
C GLY B 49 -7.63 23.28 -5.73
N GLU B 50 -7.47 24.56 -6.05
CA GLU B 50 -6.36 24.97 -6.89
C GLU B 50 -6.13 26.47 -6.74
N ILE B 51 -4.91 26.91 -7.03
CA ILE B 51 -4.50 28.28 -6.84
C ILE B 51 -3.69 28.72 -8.07
N LEU B 52 -3.84 29.99 -8.45
CA LEU B 52 -3.02 30.59 -9.50
C LEU B 52 -1.95 31.46 -8.87
N PRO B 53 -0.73 30.96 -8.69
CA PRO B 53 0.28 31.65 -7.87
C PRO B 53 0.33 33.17 -7.94
N GLY B 54 0.43 33.78 -9.10
CA GLY B 54 0.70 35.21 -9.14
C GLY B 54 -0.48 36.05 -8.65
N SER B 55 -1.66 35.79 -9.18
CA SER B 55 -2.85 36.50 -8.74
C SER B 55 -3.28 36.02 -7.37
N GLY B 56 -3.02 34.76 -7.06
CA GLY B 56 -3.58 34.20 -5.85
C GLY B 56 -5.06 33.92 -5.94
N SER B 57 -5.64 33.91 -7.15
CA SER B 57 -7.01 33.46 -7.30
C SER B 57 -7.09 32.03 -6.80
N THR B 58 -8.22 31.68 -6.19
CA THR B 58 -8.37 30.33 -5.68
C THR B 58 -9.77 29.81 -5.94
N TYR B 59 -9.85 28.50 -6.17
CA TYR B 59 -11.08 27.74 -6.22
C TYR B 59 -10.99 26.61 -5.21
N TYR B 60 -12.11 26.32 -4.55
CA TYR B 60 -12.17 25.29 -3.52
C TYR B 60 -13.34 24.37 -3.79
N ASN B 61 -13.08 23.06 -3.82
CA ASN B 61 -14.16 22.07 -3.79
C ASN B 61 -14.97 22.25 -2.51
N GLU B 62 -16.29 22.42 -2.65
CA GLU B 62 -17.11 22.83 -1.51
C GLU B 62 -16.89 21.93 -0.31
N LYS B 63 -16.61 20.65 -0.53
CA LYS B 63 -16.34 19.76 0.58
C LYS B 63 -15.24 20.30 1.49
N PHE B 64 -14.25 20.99 0.92
CA PHE B 64 -13.03 21.33 1.62
C PHE B 64 -12.94 22.82 2.00
N LYS B 65 -14.04 23.56 1.94
CA LYS B 65 -13.98 24.98 2.29
C LYS B 65 -13.41 25.19 3.68
N GLY B 66 -13.99 24.53 4.69
CA GLY B 66 -13.40 24.61 6.02
C GLY B 66 -11.97 24.10 6.07
N LYS B 67 -11.70 22.96 5.44
CA LYS B 67 -10.45 22.25 5.72
C LYS B 67 -9.25 22.90 5.05
N ALA B 68 -9.24 23.03 3.73
CA ALA B 68 -8.04 23.45 3.02
C ALA B 68 -7.89 24.97 2.94
N THR B 69 -6.64 25.43 2.84
CA THR B 69 -6.35 26.84 2.57
C THR B 69 -5.09 26.96 1.72
N PHE B 70 -5.24 27.44 0.47
CA PHE B 70 -4.13 27.60 -0.47
C PHE B 70 -3.50 28.98 -0.36
N THR B 71 -2.18 28.99 -0.32
CA THR B 71 -1.36 30.18 -0.49
C THR B 71 -0.28 29.85 -1.50
N ALA B 72 0.41 30.89 -2.00
CA ALA B 72 1.55 30.66 -2.86
C ALA B 72 2.54 31.80 -2.67
N ASP B 73 3.79 31.52 -3.01
CA ASP B 73 4.82 32.54 -3.10
C ASP B 73 5.48 32.43 -4.47
N THR B 74 5.30 33.47 -5.30
CA THR B 74 5.98 33.50 -6.61
C THR B 74 7.49 33.47 -6.44
N SER B 75 8.00 34.15 -5.41
CA SER B 75 9.44 34.31 -5.26
C SER B 75 10.16 32.97 -5.16
N SER B 76 9.60 32.03 -4.42
CA SER B 76 10.27 30.74 -4.21
C SER B 76 9.60 29.60 -4.97
N ASN B 77 8.71 29.91 -5.91
CA ASN B 77 8.09 28.90 -6.77
C ASN B 77 7.48 27.78 -5.94
N THR B 78 6.82 28.15 -4.84
CA THR B 78 6.29 27.16 -3.90
C THR B 78 4.84 27.47 -3.58
N ALA B 79 3.97 26.46 -3.69
CA ALA B 79 2.57 26.55 -3.31
C ALA B 79 2.34 25.78 -2.02
N TYR B 80 1.37 26.24 -1.23
CA TYR B 80 1.08 25.65 0.08
C TYR B 80 -0.40 25.32 0.18
N MET B 81 -0.70 24.19 0.82
CA MET B 81 -2.06 23.84 1.24
C MET B 81 -2.03 23.54 2.71
N GLN B 82 -2.84 24.25 3.49
CA GLN B 82 -2.87 24.10 4.94
C GLN B 82 -4.15 23.38 5.33
N LEU B 83 -3.99 22.21 5.96
CA LEU B 83 -5.11 21.44 6.45
C LEU B 83 -5.26 21.73 7.94
N SER B 84 -6.44 22.17 8.34
CA SER B 84 -6.66 22.65 9.70
C SER B 84 -7.62 21.72 10.42
N SER B 85 -7.60 21.82 11.75
CA SER B 85 -8.45 21.03 12.64
C SER B 85 -8.50 19.58 12.17
N LEU B 86 -7.32 18.96 12.22
CA LEU B 86 -7.12 17.64 11.62
C LEU B 86 -7.93 16.58 12.35
N THR B 87 -8.29 15.54 11.60
CA THR B 87 -8.94 14.35 12.14
C THR B 87 -8.38 13.16 11.39
N SER B 88 -8.79 11.96 11.82
CA SER B 88 -8.31 10.76 11.14
C SER B 88 -8.85 10.67 9.71
N GLU B 89 -10.00 11.28 9.44
CA GLU B 89 -10.51 11.31 8.06
C GLU B 89 -9.55 12.03 7.11
N ASP B 90 -8.70 12.92 7.62
CA ASP B 90 -7.70 13.59 6.81
C ASP B 90 -6.45 12.76 6.57
N SER B 91 -6.40 11.55 7.11
CA SER B 91 -5.27 10.68 6.81
C SER B 91 -5.39 10.25 5.35
N ALA B 92 -4.38 10.59 4.57
CA ALA B 92 -4.41 10.32 3.14
C ALA B 92 -3.08 10.69 2.52
N VAL B 93 -2.97 10.52 1.21
CA VAL B 93 -1.85 11.02 0.45
C VAL B 93 -2.35 12.24 -0.32
N TYR B 94 -1.63 13.34 -0.20
CA TYR B 94 -1.98 14.59 -0.85
C TYR B 94 -1.02 14.79 -1.99
N TYR B 95 -1.57 15.11 -3.16
CA TYR B 95 -0.82 15.38 -4.36
C TYR B 95 -1.11 16.81 -4.82
N CYS B 96 -0.10 17.41 -5.46
CA CYS B 96 -0.26 18.62 -6.24
C CYS B 96 0.05 18.32 -7.70
N ALA B 97 -0.68 18.95 -8.61
CA ALA B 97 -0.47 18.77 -10.04
C ALA B 97 -0.48 20.12 -10.73
N ARG B 98 0.24 20.24 -11.83
CA ARG B 98 0.11 21.44 -12.62
C ARG B 98 -1.11 21.35 -13.52
N GLY B 99 -1.87 22.44 -13.58
CA GLY B 99 -3.02 22.48 -14.47
C GLY B 99 -2.58 22.58 -15.92
N ASP B 100 -2.79 21.50 -16.67
CA ASP B 100 -2.48 21.48 -18.10
C ASP B 100 -3.72 21.08 -18.91
N GLY B 101 -4.91 21.37 -18.41
CA GLY B 101 -6.11 20.75 -18.95
C GLY B 101 -6.22 19.35 -18.39
N TYR B 102 -5.37 18.44 -18.87
CA TYR B 102 -5.05 17.18 -18.20
C TYR B 102 -3.96 17.41 -17.16
N TYR B 103 -3.77 16.43 -16.30
CA TYR B 103 -2.71 16.46 -15.29
C TYR B 103 -1.53 15.66 -15.81
N LYS B 104 -0.53 16.36 -16.34
CA LYS B 104 0.67 15.74 -16.85
C LYS B 104 1.76 15.66 -15.80
N TYR B 105 1.96 16.74 -15.03
CA TYR B 105 3.04 16.85 -14.07
C TYR B 105 2.48 16.80 -12.65
N TRP B 106 2.88 15.79 -11.89
CA TRP B 106 2.41 15.60 -10.51
C TRP B 106 3.57 15.71 -9.54
N GLY B 107 3.28 16.22 -8.35
CA GLY B 107 4.17 15.99 -7.23
C GLY B 107 4.20 14.53 -6.84
N GLN B 108 5.25 14.14 -6.11
CA GLN B 108 5.45 12.75 -5.75
C GLN B 108 4.47 12.24 -4.68
N GLY B 109 3.69 13.10 -4.05
CA GLY B 109 2.78 12.65 -3.01
C GLY B 109 3.28 12.85 -1.59
N THR B 110 2.40 13.29 -0.71
CA THR B 110 2.73 13.56 0.68
C THR B 110 1.82 12.73 1.56
N THR B 111 2.41 12.01 2.51
CA THR B 111 1.63 11.17 3.41
C THR B 111 1.32 11.95 4.69
N LEU B 112 0.04 12.09 4.97
CA LEU B 112 -0.44 12.70 6.19
C LEU B 112 -1.10 11.61 7.02
N THR B 113 -0.58 11.39 8.23
CA THR B 113 -1.18 10.52 9.21
C THR B 113 -1.66 11.38 10.36
N VAL B 114 -2.90 11.18 10.78
CA VAL B 114 -3.48 11.83 11.96
C VAL B 114 -3.93 10.75 12.92
N SER B 115 -3.49 10.84 14.18
CA SER B 115 -3.70 9.77 15.14
C SER B 115 -3.44 10.26 16.57
N SER B 116 -4.19 9.68 17.52
CA SER B 116 -3.94 9.88 18.95
C SER B 116 -2.57 9.40 19.38
N ALA B 117 -2.06 8.36 18.72
CA ALA B 117 -0.89 7.64 19.18
C ALA B 117 0.30 8.57 19.36
N SER B 118 1.31 8.08 20.04
CA SER B 118 2.52 8.86 20.26
C SER B 118 3.73 8.05 19.86
N THR B 119 4.79 8.76 19.49
CA THR B 119 5.96 8.10 18.93
C THR B 119 6.45 6.99 19.84
N LYS B 120 6.41 5.76 19.36
CA LYS B 120 6.94 4.61 20.08
C LYS B 120 7.65 3.68 19.12
N GLY B 121 8.82 3.19 19.53
CA GLY B 121 9.61 2.28 18.73
C GLY B 121 9.16 0.85 18.94
N PRO B 122 9.50 -0.03 18.01
CA PRO B 122 8.95 -1.38 18.05
C PRO B 122 9.80 -2.30 18.90
N SER B 123 9.20 -3.43 19.28
CA SER B 123 9.95 -4.58 19.77
C SER B 123 10.10 -5.57 18.62
N VAL B 124 11.26 -6.22 18.55
CA VAL B 124 11.58 -7.10 17.43
C VAL B 124 11.75 -8.51 17.98
N PHE B 125 10.97 -9.45 17.43
CA PHE B 125 11.00 -10.80 17.96
C PHE B 125 11.32 -11.79 16.84
N PRO B 126 12.05 -12.85 17.15
CA PRO B 126 12.39 -13.81 16.09
C PRO B 126 11.17 -14.58 15.65
N LEU B 127 11.13 -14.87 14.36
CA LEU B 127 10.24 -15.89 13.79
C LEU B 127 11.14 -17.08 13.58
N ALA B 128 11.05 -18.05 14.48
CA ALA B 128 12.19 -18.96 14.40
C ALA B 128 11.86 -20.18 13.54
N PRO B 129 12.82 -20.59 12.72
CA PRO B 129 12.58 -21.66 11.75
C PRO B 129 12.16 -22.95 12.44
N SER B 130 11.45 -23.78 11.68
CA SER B 130 10.74 -24.95 12.19
C SER B 130 11.70 -26.03 12.68
N SER B 131 11.19 -26.85 13.62
CA SER B 131 11.91 -28.03 14.13
C SER B 131 12.04 -29.13 13.07
N LYS B 132 11.21 -29.08 12.03
CA LYS B 132 11.44 -29.77 10.75
C LYS B 132 10.34 -29.38 9.75
N THR B 138 14.03 -26.44 2.26
CA THR B 138 13.69 -25.02 2.40
C THR B 138 12.96 -24.69 3.69
N ALA B 139 13.46 -23.70 4.41
CA ALA B 139 12.87 -23.27 5.67
C ALA B 139 12.48 -21.80 5.57
N ALA B 140 11.78 -21.31 6.58
CA ALA B 140 11.38 -19.91 6.67
C ALA B 140 11.72 -19.40 8.05
N LEU B 141 12.26 -18.20 8.12
CA LEU B 141 12.43 -17.53 9.39
C LEU B 141 12.12 -16.05 9.17
N GLY B 142 12.10 -15.27 10.24
CA GLY B 142 11.85 -13.87 10.03
C GLY B 142 11.82 -13.09 11.32
N CYS B 143 11.36 -11.84 11.21
CA CYS B 143 11.30 -10.92 12.33
C CYS B 143 9.91 -10.34 12.45
N LEU B 144 9.39 -10.34 13.67
CA LEU B 144 8.14 -9.68 14.02
C LEU B 144 8.49 -8.32 14.62
N VAL B 145 8.04 -7.26 13.96
CA VAL B 145 8.34 -5.87 14.32
C VAL B 145 7.05 -5.27 14.85
N LYS B 146 6.91 -5.20 16.17
CA LYS B 146 5.60 -5.06 16.80
C LYS B 146 5.52 -3.77 17.62
N ASP B 147 4.33 -3.14 17.59
CA ASP B 147 3.92 -2.06 18.50
C ASP B 147 4.75 -0.78 18.35
N TYR B 148 4.81 -0.23 17.14
CA TYR B 148 5.53 1.02 16.88
C TYR B 148 4.59 2.07 16.33
N PHE B 149 5.07 3.32 16.36
CA PHE B 149 4.33 4.45 15.80
C PHE B 149 5.31 5.59 15.56
N PRO B 150 5.21 6.32 14.45
CA PRO B 150 4.33 6.02 13.33
C PRO B 150 5.05 5.15 12.29
N GLU B 151 4.41 5.02 11.12
CA GLU B 151 5.10 4.50 9.99
C GLU B 151 6.20 5.47 9.59
N PRO B 152 7.29 5.01 8.98
CA PRO B 152 7.60 3.65 8.53
C PRO B 152 8.69 2.96 9.32
N VAL B 153 8.82 1.63 9.14
CA VAL B 153 9.99 0.86 9.54
C VAL B 153 10.60 0.25 8.29
N THR B 154 11.92 0.09 8.30
CA THR B 154 12.62 -0.63 7.26
C THR B 154 13.20 -1.91 7.84
N VAL B 155 13.30 -2.93 6.99
CA VAL B 155 13.88 -4.21 7.38
C VAL B 155 14.78 -4.69 6.24
N SER B 156 16.06 -4.84 6.52
CA SER B 156 16.94 -5.59 5.64
C SER B 156 17.37 -6.87 6.37
N TRP B 157 17.98 -7.76 5.62
CA TRP B 157 18.47 -9.02 6.17
C TRP B 157 19.96 -9.11 5.93
N ASN B 158 20.73 -9.34 6.99
CA ASN B 158 22.19 -9.42 6.89
C ASN B 158 22.78 -8.21 6.19
N SER B 159 22.25 -7.03 6.51
CA SER B 159 22.77 -5.77 5.98
C SER B 159 22.74 -5.78 4.46
N GLY B 160 21.68 -6.35 3.90
CA GLY B 160 21.45 -6.28 2.47
C GLY B 160 22.17 -7.31 1.64
N ALA B 161 23.04 -8.13 2.24
CA ALA B 161 23.61 -9.25 1.51
C ALA B 161 22.61 -10.38 1.30
N LEU B 162 21.43 -10.29 1.94
CA LEU B 162 20.37 -11.29 1.79
C LEU B 162 19.11 -10.57 1.32
N THR B 163 18.77 -10.71 0.04
CA THR B 163 17.56 -10.09 -0.47
C THR B 163 16.65 -11.11 -1.17
N SER B 164 17.22 -12.17 -1.74
CA SER B 164 16.40 -13.16 -2.44
C SER B 164 15.50 -13.89 -1.46
N GLY B 165 14.23 -14.05 -1.82
CA GLY B 165 13.30 -14.73 -0.96
C GLY B 165 12.83 -13.96 0.25
N VAL B 166 13.03 -12.64 0.29
CA VAL B 166 12.51 -11.81 1.36
C VAL B 166 11.09 -11.37 1.03
N HIS B 167 10.27 -11.28 2.07
CA HIS B 167 8.95 -10.68 1.98
C HIS B 167 8.77 -9.86 3.25
N THR B 168 8.49 -8.58 3.08
CA THR B 168 8.23 -7.68 4.20
C THR B 168 6.80 -7.18 4.03
N PHE B 169 5.93 -7.60 4.92
CA PHE B 169 4.53 -7.33 4.76
C PHE B 169 4.22 -5.86 5.00
N PRO B 170 3.14 -5.36 4.42
CA PRO B 170 2.64 -4.04 4.81
C PRO B 170 2.26 -4.05 6.29
N ALA B 171 2.50 -2.94 6.96
CA ALA B 171 2.10 -2.82 8.35
C ALA B 171 0.58 -2.93 8.48
N VAL B 172 0.14 -3.47 9.63
CA VAL B 172 -1.26 -3.47 10.02
C VAL B 172 -1.42 -2.58 11.25
N LEU B 173 -2.40 -1.69 11.20
CA LEU B 173 -2.66 -0.81 12.32
C LEU B 173 -3.52 -1.57 13.33
N GLN B 174 -2.99 -1.71 14.54
CA GLN B 174 -3.59 -2.50 15.60
C GLN B 174 -4.56 -1.66 16.43
N SER B 175 -5.42 -2.36 17.20
CA SER B 175 -6.34 -1.72 18.12
C SER B 175 -5.68 -0.63 18.96
N SER B 176 -4.40 -0.78 19.25
CA SER B 176 -3.69 0.09 20.17
C SER B 176 -3.29 1.41 19.53
N GLY B 177 -3.66 1.61 18.27
CA GLY B 177 -3.11 2.67 17.46
C GLY B 177 -1.67 2.47 17.06
N LEU B 178 -1.07 1.36 17.43
CA LEU B 178 0.33 1.08 17.12
C LEU B 178 0.38 0.13 15.93
N TYR B 179 1.47 0.21 15.18
CA TYR B 179 1.59 -0.60 13.98
C TYR B 179 2.31 -1.89 14.28
N SER B 180 2.11 -2.88 13.42
CA SER B 180 2.79 -4.15 13.56
C SER B 180 3.04 -4.76 12.20
N LEU B 181 4.16 -5.44 12.07
CA LEU B 181 4.68 -5.78 10.76
C LEU B 181 5.59 -7.00 10.89
N SER B 182 5.66 -7.79 9.83
CA SER B 182 6.59 -8.91 9.81
C SER B 182 7.42 -8.90 8.53
N SER B 183 8.62 -9.44 8.62
CA SER B 183 9.48 -9.66 7.47
C SER B 183 10.01 -11.08 7.55
N VAL B 184 9.83 -11.84 6.47
CA VAL B 184 10.20 -13.25 6.43
C VAL B 184 11.10 -13.51 5.23
N VAL B 185 11.91 -14.56 5.34
CA VAL B 185 12.82 -14.96 4.28
C VAL B 185 12.86 -16.49 4.24
N THR B 186 12.89 -17.06 3.04
CA THR B 186 13.07 -18.49 2.90
C THR B 186 14.52 -18.78 2.61
N VAL B 187 15.06 -19.80 3.28
CA VAL B 187 16.47 -20.16 3.17
C VAL B 187 16.57 -21.67 3.06
N PRO B 188 17.74 -22.21 2.72
CA PRO B 188 17.91 -23.67 2.74
C PRO B 188 17.74 -24.25 4.13
N SER B 189 17.14 -25.44 4.19
CA SER B 189 16.99 -26.13 5.47
C SER B 189 18.34 -26.39 6.13
N SER B 190 19.32 -26.85 5.35
CA SER B 190 20.60 -27.27 5.92
C SER B 190 21.35 -26.12 6.58
N SER B 191 21.10 -24.89 6.14
CA SER B 191 21.87 -23.74 6.61
C SER B 191 21.54 -23.35 8.05
N LEU B 192 20.40 -23.77 8.59
CA LEU B 192 19.90 -23.20 9.84
C LEU B 192 20.80 -23.48 11.05
N GLY B 193 21.60 -24.53 11.01
CA GLY B 193 22.43 -24.81 12.17
C GLY B 193 23.77 -24.12 12.10
N THR B 194 24.29 -23.99 10.88
CA THR B 194 25.67 -23.61 10.63
C THR B 194 25.83 -22.11 10.36
N GLN B 195 24.80 -21.30 10.57
CA GLN B 195 24.79 -19.95 10.01
C GLN B 195 24.13 -18.94 10.94
N THR B 196 24.26 -17.67 10.53
CA THR B 196 23.74 -16.51 11.23
C THR B 196 22.79 -15.76 10.29
N TYR B 197 21.59 -15.44 10.81
CA TYR B 197 20.60 -14.63 10.12
C TYR B 197 20.22 -13.49 11.03
N ILE B 198 20.57 -12.27 10.62
CA ILE B 198 20.24 -11.04 11.33
C ILE B 198 19.22 -10.26 10.50
N CYS B 199 18.15 -9.80 11.14
CA CYS B 199 17.27 -8.83 10.50
C CYS B 199 17.61 -7.46 11.06
N ASN B 200 17.85 -6.52 10.15
CA ASN B 200 18.26 -5.16 10.50
C ASN B 200 17.01 -4.31 10.41
N VAL B 201 16.46 -3.97 11.57
CA VAL B 201 15.26 -3.15 11.68
C VAL B 201 15.66 -1.71 12.00
N ASN B 202 15.00 -0.75 11.35
CA ASN B 202 15.24 0.67 11.63
C ASN B 202 13.93 1.43 11.61
N HIS B 203 13.63 2.12 12.71
CA HIS B 203 12.47 2.98 12.89
C HIS B 203 13.00 4.39 13.20
N LYS B 204 13.20 5.18 12.17
CA LYS B 204 13.79 6.51 12.38
C LYS B 204 13.02 7.37 13.38
N PRO B 205 11.67 7.41 13.40
CA PRO B 205 10.98 8.30 14.35
C PRO B 205 11.25 8.04 15.82
N SER B 206 11.99 7.00 16.18
CA SER B 206 12.35 6.80 17.58
C SER B 206 13.81 6.35 17.71
N ASN B 207 14.59 6.52 16.64
CA ASN B 207 16.00 6.10 16.57
C ASN B 207 16.22 4.65 17.02
N THR B 208 15.23 3.78 16.82
CA THR B 208 15.39 2.35 17.04
C THR B 208 16.14 1.75 15.84
N LYS B 209 17.38 1.31 16.07
CA LYS B 209 18.12 0.48 15.13
C LYS B 209 18.38 -0.83 15.86
N VAL B 210 17.81 -1.93 15.36
CA VAL B 210 17.88 -3.22 16.03
C VAL B 210 18.35 -4.25 15.01
N ASP B 211 19.40 -5.00 15.37
CA ASP B 211 19.92 -6.12 14.58
C ASP B 211 19.68 -7.38 15.40
N LYS B 212 18.66 -8.16 15.03
CA LYS B 212 18.20 -9.27 15.83
C LYS B 212 18.68 -10.59 15.24
N ARG B 213 19.32 -11.40 16.07
CA ARG B 213 19.72 -12.74 15.66
C ARG B 213 18.50 -13.64 15.64
N VAL B 214 18.26 -14.32 14.50
CA VAL B 214 17.15 -15.24 14.36
C VAL B 214 17.72 -16.65 14.28
N GLU B 215 17.63 -17.41 15.38
CA GLU B 215 18.15 -18.76 15.45
C GLU B 215 17.04 -19.76 15.80
N PRO B 216 17.13 -20.98 15.28
CA PRO B 216 16.26 -22.06 15.79
C PRO B 216 16.45 -22.29 17.29
N LYS B 217 15.33 -22.45 17.99
CA LYS B 217 15.39 -22.68 19.42
C LYS B 217 15.84 -24.11 19.71
N SER B 218 16.61 -24.26 20.79
CA SER B 218 17.12 -25.57 21.20
C SER B 218 16.07 -26.35 21.97
#